data_6HJO
#
_entry.id   6HJO
#
_cell.length_a   53.980
_cell.length_b   89.180
_cell.length_c   118.520
_cell.angle_alpha   90.00
_cell.angle_beta   90.00
_cell.angle_gamma   90.00
#
_symmetry.space_group_name_H-M   'P 21 21 21'
#
loop_
_entity.id
_entity.type
_entity.pdbx_description
1 polymer 'Mutual gliding-motility protein MglA'
2 non-polymer "GUANOSINE-5'-DIPHOSPHATE"
3 water water
#
_entity_poly.entity_id   1
_entity_poly.type   'polypeptide(L)'
_entity_poly.pdbx_seq_one_letter_code
;MSFINYSSREINCKIVYYGPGLCGKTTNLQYIYNKTAAETKGKLISLSTETDRTLFFDFLPLSLGEIRGFKTRFHLYTVP
GQVFYDASRKLILKGVDGVVFVADSQIERMEANMESLENLRINLAEQGYDLNKIPYVIQYNKRDLPNAVTVEEMRKALNH
RNIPEYQAVAPTGVGVFDTLKAVAKLVLTELKKGG
;
_entity_poly.pdbx_strand_id   A,B
#
loop_
_chem_comp.id
_chem_comp.type
_chem_comp.name
_chem_comp.formula
GDP RNA linking GUANOSINE-5'-DIPHOSPHATE 'C10 H15 N5 O11 P2'
#
# COMPACT_ATOMS: atom_id res chain seq x y z
N SER A 2 -15.88 12.29 0.43
CA SER A 2 -16.16 11.48 1.60
C SER A 2 -15.28 11.82 2.78
N PHE A 3 -14.10 12.46 2.61
CA PHE A 3 -13.21 12.85 3.75
C PHE A 3 -12.78 14.30 3.66
N ILE A 4 -13.19 15.11 4.63
CA ILE A 4 -12.87 16.55 4.66
C ILE A 4 -11.60 16.81 5.47
N ASN A 5 -10.60 17.41 4.82
CA ASN A 5 -9.38 17.82 5.51
C ASN A 5 -9.58 19.32 5.84
N TYR A 6 -10.07 19.61 7.07
CA TYR A 6 -10.35 20.99 7.53
C TYR A 6 -9.11 21.86 7.64
N SER A 7 -7.91 21.26 7.84
CA SER A 7 -6.68 22.05 7.95
C SER A 7 -6.13 22.46 6.59
N SER A 8 -5.96 21.48 5.65
CA SER A 8 -5.44 21.76 4.31
C SER A 8 -6.52 22.27 3.34
N ARG A 9 -7.77 22.44 3.85
CA ARG A 9 -8.95 22.95 3.15
C ARG A 9 -9.26 22.17 1.85
N GLU A 10 -9.29 20.83 1.95
CA GLU A 10 -9.57 19.93 0.83
C GLU A 10 -10.66 18.92 1.12
N ILE A 11 -11.55 18.73 0.16
CA ILE A 11 -12.58 17.70 0.17
C ILE A 11 -11.95 16.52 -0.59
N ASN A 12 -11.77 15.37 0.07
CA ASN A 12 -11.19 14.19 -0.60
C ASN A 12 -12.30 13.25 -1.04
N CYS A 13 -12.36 12.97 -2.32
CA CYS A 13 -13.39 12.06 -2.77
C CYS A 13 -12.83 10.86 -3.50
N LYS A 14 -13.43 9.68 -3.26
CA LYS A 14 -12.99 8.40 -3.76
C LYS A 14 -13.81 7.94 -4.94
N ILE A 15 -13.14 7.71 -6.06
CA ILE A 15 -13.73 7.22 -7.30
C ILE A 15 -13.21 5.81 -7.53
N VAL A 16 -14.13 4.83 -7.54
CA VAL A 16 -13.76 3.43 -7.69
C VAL A 16 -14.03 2.95 -9.12
N TYR A 17 -13.00 2.39 -9.79
CA TYR A 17 -13.16 1.77 -11.12
C TYR A 17 -13.42 0.31 -10.79
N TYR A 18 -14.52 -0.19 -11.28
CA TYR A 18 -15.04 -1.53 -11.01
C TYR A 18 -15.36 -2.24 -12.32
N GLY A 19 -15.20 -3.54 -12.34
CA GLY A 19 -15.48 -4.35 -13.54
C GLY A 19 -14.77 -5.68 -13.47
N PRO A 20 -15.06 -6.61 -14.40
CA PRO A 20 -14.38 -7.92 -14.35
C PRO A 20 -12.86 -7.82 -14.51
N GLY A 21 -12.16 -8.89 -14.16
CA GLY A 21 -10.72 -8.94 -14.33
C GLY A 21 -10.35 -8.72 -15.77
N LEU A 22 -9.27 -7.96 -16.03
CA LEU A 22 -8.72 -7.67 -17.36
C LEU A 22 -9.65 -6.85 -18.30
N CYS A 23 -10.61 -6.09 -17.75
CA CYS A 23 -11.53 -5.27 -18.55
C CYS A 23 -10.95 -3.91 -18.99
N GLY A 24 -9.88 -3.43 -18.33
CA GLY A 24 -9.24 -2.16 -18.67
C GLY A 24 -9.19 -1.11 -17.57
N LYS A 25 -9.35 -1.52 -16.31
CA LYS A 25 -9.33 -0.60 -15.17
C LYS A 25 -7.93 0.00 -14.91
N THR A 26 -6.87 -0.83 -14.94
CA THR A 26 -5.48 -0.35 -14.79
C THR A 26 -5.18 0.61 -15.94
N THR A 27 -5.59 0.25 -17.16
CA THR A 27 -5.35 1.04 -18.37
C THR A 27 -5.93 2.45 -18.25
N ASN A 28 -7.19 2.56 -17.76
CA ASN A 28 -7.88 3.82 -17.52
C ASN A 28 -7.07 4.67 -16.52
N LEU A 29 -6.73 4.10 -15.34
CA LEU A 29 -5.97 4.79 -14.28
C LEU A 29 -4.58 5.23 -14.78
N GLN A 30 -3.87 4.36 -15.51
CA GLN A 30 -2.52 4.66 -16.04
C GLN A 30 -2.62 5.77 -17.07
N TYR A 31 -3.63 5.71 -17.99
CA TYR A 31 -3.77 6.76 -19.00
C TYR A 31 -4.04 8.10 -18.31
N ILE A 32 -5.00 8.15 -17.37
CA ILE A 32 -5.32 9.38 -16.61
C ILE A 32 -4.04 9.88 -15.92
N TYR A 33 -3.35 8.99 -15.18
CA TYR A 33 -2.13 9.34 -14.45
C TYR A 33 -1.06 9.97 -15.35
N ASN A 34 -0.81 9.35 -16.53
CA ASN A 34 0.21 9.81 -17.50
C ASN A 34 -0.08 11.18 -18.09
N LYS A 35 -1.38 11.56 -18.19
CA LYS A 35 -1.82 12.84 -18.75
C LYS A 35 -2.12 13.91 -17.69
N THR A 36 -1.91 13.60 -16.40
CA THR A 36 -2.16 14.54 -15.30
C THR A 36 -0.84 15.27 -15.00
N ALA A 37 -0.90 16.61 -14.91
CA ALA A 37 0.25 17.48 -14.60
C ALA A 37 0.93 17.02 -13.31
N ALA A 38 2.25 16.79 -13.35
CA ALA A 38 3.09 16.29 -12.26
C ALA A 38 2.92 17.01 -10.91
N GLU A 39 2.74 18.35 -10.94
CA GLU A 39 2.59 19.19 -9.76
C GLU A 39 1.19 19.10 -9.10
N THR A 40 0.24 18.41 -9.75
CA THR A 40 -1.14 18.27 -9.25
C THR A 40 -1.44 16.88 -8.70
N LYS A 41 -0.52 15.93 -8.84
CA LYS A 41 -0.76 14.54 -8.43
C LYS A 41 0.25 13.96 -7.46
N GLY A 42 -0.17 12.91 -6.76
CA GLY A 42 0.67 12.12 -5.88
C GLY A 42 1.25 10.97 -6.70
N LYS A 43 1.84 9.98 -6.01
CA LYS A 43 2.43 8.83 -6.71
C LYS A 43 1.35 7.81 -7.14
N LEU A 44 1.65 7.02 -8.19
CA LEU A 44 0.77 5.94 -8.66
C LEU A 44 1.20 4.73 -7.80
N ILE A 45 0.32 4.32 -6.88
CA ILE A 45 0.64 3.27 -5.91
C ILE A 45 -0.01 1.95 -6.24
N SER A 46 0.82 0.91 -6.29
CA SER A 46 0.42 -0.47 -6.50
C SER A 46 0.61 -1.17 -5.15
N LEU A 47 -0.44 -1.79 -4.67
CA LEU A 47 -0.45 -2.48 -3.39
C LEU A 47 -0.75 -3.96 -3.65
N SER A 48 0.03 -4.87 -3.03
CA SER A 48 -0.23 -6.29 -3.18
C SER A 48 0.00 -7.07 -1.90
N THR A 49 -0.88 -8.06 -1.67
CA THR A 49 -0.86 -9.04 -0.58
C THR A 49 -1.01 -10.43 -1.27
N GLU A 50 -0.95 -11.52 -0.50
CA GLU A 50 -1.13 -12.89 -0.99
C GLU A 50 -2.58 -13.08 -1.50
N THR A 51 -3.54 -12.39 -0.86
CA THR A 51 -4.97 -12.50 -1.17
C THR A 51 -5.48 -11.48 -2.19
N ASP A 52 -5.02 -10.21 -2.13
CA ASP A 52 -5.54 -9.15 -3.00
C ASP A 52 -4.53 -8.16 -3.59
N ARG A 53 -5.02 -7.28 -4.50
CA ARG A 53 -4.27 -6.23 -5.19
C ARG A 53 -5.06 -4.92 -5.24
N THR A 54 -4.36 -3.78 -5.22
CA THR A 54 -4.97 -2.45 -5.32
C THR A 54 -4.05 -1.54 -6.14
N LEU A 55 -4.66 -0.63 -6.91
CA LEU A 55 -3.96 0.39 -7.68
C LEU A 55 -4.68 1.68 -7.42
N PHE A 56 -3.93 2.72 -7.04
CA PHE A 56 -4.54 4.01 -6.71
C PHE A 56 -3.60 5.18 -6.80
N PHE A 57 -4.18 6.39 -6.90
CA PHE A 57 -3.46 7.66 -6.86
C PHE A 57 -4.46 8.78 -6.58
N ASP A 58 -3.95 9.96 -6.24
CA ASP A 58 -4.79 11.12 -6.02
C ASP A 58 -4.27 12.30 -6.82
N PHE A 59 -5.16 13.26 -7.11
CA PHE A 59 -4.82 14.48 -7.83
C PHE A 59 -5.75 15.61 -7.49
N LEU A 60 -5.22 16.82 -7.47
CA LEU A 60 -5.98 18.04 -7.19
C LEU A 60 -6.01 18.86 -8.49
N PRO A 61 -7.08 18.74 -9.33
CA PRO A 61 -7.12 19.52 -10.58
C PRO A 61 -7.15 21.02 -10.34
N LEU A 62 -6.27 21.77 -11.03
CA LEU A 62 -6.14 23.24 -10.94
C LEU A 62 -7.31 23.97 -11.59
N SER A 63 -7.91 23.37 -12.64
CA SER A 63 -9.04 23.92 -13.40
C SER A 63 -10.29 24.15 -12.54
N LEU A 64 -10.51 23.27 -11.54
CA LEU A 64 -11.67 23.30 -10.67
C LEU A 64 -11.72 24.46 -9.69
N GLY A 65 -12.93 24.94 -9.44
CA GLY A 65 -13.20 26.01 -8.48
C GLY A 65 -13.18 25.48 -7.06
N GLU A 66 -13.96 26.13 -6.18
CA GLU A 66 -14.02 25.73 -4.78
C GLU A 66 -15.45 25.51 -4.32
N ILE A 67 -15.65 24.56 -3.39
CA ILE A 67 -16.95 24.30 -2.78
C ILE A 67 -16.83 24.80 -1.35
N ARG A 68 -17.43 25.99 -1.07
CA ARG A 68 -17.41 26.66 0.24
C ARG A 68 -15.98 26.90 0.75
N GLY A 69 -15.10 27.34 -0.16
CA GLY A 69 -13.70 27.62 0.14
C GLY A 69 -12.77 26.41 0.15
N PHE A 70 -13.30 25.23 -0.20
CA PHE A 70 -12.55 23.97 -0.20
C PHE A 70 -12.26 23.49 -1.62
N LYS A 71 -11.03 23.02 -1.85
CA LYS A 71 -10.62 22.43 -3.14
C LYS A 71 -10.97 20.94 -3.12
N THR A 72 -11.34 20.35 -4.27
CA THR A 72 -11.67 18.92 -4.30
C THR A 72 -10.50 18.11 -4.83
N ARG A 73 -10.04 17.13 -4.03
CA ARG A 73 -8.98 16.20 -4.37
C ARG A 73 -9.62 14.86 -4.73
N PHE A 74 -9.28 14.33 -5.90
CA PHE A 74 -9.81 13.07 -6.38
C PHE A 74 -8.85 11.92 -6.13
N HIS A 75 -9.39 10.80 -5.60
CA HIS A 75 -8.63 9.58 -5.32
C HIS A 75 -9.24 8.49 -6.20
N LEU A 76 -8.45 7.95 -7.14
CA LEU A 76 -8.91 6.93 -8.09
C LEU A 76 -8.38 5.58 -7.61
N TYR A 77 -9.29 4.62 -7.33
CA TYR A 77 -8.98 3.29 -6.76
C TYR A 77 -9.53 2.17 -7.67
N THR A 78 -8.80 1.03 -7.75
CA THR A 78 -9.24 -0.16 -8.49
C THR A 78 -8.59 -1.41 -7.94
N VAL A 79 -9.26 -2.57 -8.08
CA VAL A 79 -8.70 -3.87 -7.75
C VAL A 79 -8.31 -4.45 -9.13
N PRO A 80 -7.03 -4.36 -9.54
CA PRO A 80 -6.66 -4.83 -10.89
C PRO A 80 -6.47 -6.34 -11.01
N GLY A 81 -6.52 -6.85 -12.25
CA GLY A 81 -6.26 -8.24 -12.58
C GLY A 81 -7.31 -9.24 -12.12
N GLN A 82 -6.94 -10.53 -12.11
CA GLN A 82 -7.80 -11.61 -11.64
C GLN A 82 -8.04 -11.44 -10.13
N VAL A 83 -9.29 -11.65 -9.68
CA VAL A 83 -9.71 -11.52 -8.29
C VAL A 83 -9.96 -12.93 -7.75
N PHE A 84 -9.30 -13.26 -6.62
CA PHE A 84 -9.42 -14.57 -5.98
C PHE A 84 -10.33 -14.54 -4.75
N TYR A 85 -10.54 -13.34 -4.17
CA TYR A 85 -11.36 -13.14 -2.99
C TYR A 85 -12.31 -11.96 -3.18
N ASP A 86 -13.63 -12.20 -3.00
CA ASP A 86 -14.70 -11.18 -3.11
C ASP A 86 -14.52 -10.08 -2.05
N ALA A 87 -13.85 -10.40 -0.91
CA ALA A 87 -13.55 -9.45 0.16
C ALA A 87 -12.81 -8.20 -0.35
N SER A 88 -11.90 -8.35 -1.34
CA SER A 88 -11.15 -7.22 -1.91
C SER A 88 -12.04 -6.24 -2.67
N ARG A 89 -13.08 -6.77 -3.35
CA ARG A 89 -14.07 -5.96 -4.06
C ARG A 89 -15.00 -5.26 -3.05
N LYS A 90 -15.25 -5.89 -1.89
CA LYS A 90 -16.04 -5.32 -0.79
C LYS A 90 -15.24 -4.20 -0.09
N LEU A 91 -13.92 -4.42 0.10
CA LEU A 91 -13.00 -3.48 0.74
C LEU A 91 -12.75 -2.24 -0.12
N ILE A 92 -12.55 -2.42 -1.46
CA ILE A 92 -12.30 -1.29 -2.39
C ILE A 92 -13.42 -0.24 -2.34
N LEU A 93 -14.67 -0.66 -2.08
CA LEU A 93 -15.86 0.19 -2.06
C LEU A 93 -16.04 0.99 -0.76
N LYS A 94 -15.26 0.70 0.30
CA LYS A 94 -15.37 1.45 1.56
C LYS A 94 -15.12 2.95 1.35
N GLY A 95 -16.12 3.76 1.69
CA GLY A 95 -16.06 5.22 1.55
C GLY A 95 -16.11 5.74 0.13
N VAL A 96 -16.66 4.95 -0.79
CA VAL A 96 -16.77 5.36 -2.19
C VAL A 96 -17.69 6.60 -2.35
N ASP A 97 -17.27 7.57 -3.21
CA ASP A 97 -18.09 8.74 -3.54
C ASP A 97 -18.69 8.58 -4.96
N GLY A 98 -17.96 7.93 -5.86
CA GLY A 98 -18.41 7.69 -7.23
C GLY A 98 -17.84 6.40 -7.79
N VAL A 99 -18.57 5.76 -8.75
CA VAL A 99 -18.15 4.49 -9.34
C VAL A 99 -18.13 4.57 -10.85
N VAL A 100 -17.07 4.04 -11.47
CA VAL A 100 -17.00 3.87 -12.93
C VAL A 100 -17.06 2.36 -13.12
N PHE A 101 -18.09 1.85 -13.83
CA PHE A 101 -18.12 0.44 -14.15
C PHE A 101 -17.50 0.31 -15.54
N VAL A 102 -16.42 -0.44 -15.65
CA VAL A 102 -15.71 -0.67 -16.92
C VAL A 102 -16.13 -2.04 -17.44
N ALA A 103 -16.88 -2.04 -18.55
CA ALA A 103 -17.35 -3.26 -19.18
C ALA A 103 -16.40 -3.64 -20.33
N ASP A 104 -16.03 -4.92 -20.40
CA ASP A 104 -15.20 -5.46 -21.45
C ASP A 104 -16.17 -5.80 -22.61
N SER A 105 -16.01 -5.14 -23.77
CA SER A 105 -16.91 -5.31 -24.91
C SER A 105 -16.83 -6.64 -25.63
N GLN A 106 -15.85 -7.50 -25.30
CA GLN A 106 -15.71 -8.81 -25.96
C GLN A 106 -16.88 -9.71 -25.63
N ILE A 107 -17.38 -10.44 -26.65
CA ILE A 107 -18.51 -11.37 -26.52
C ILE A 107 -18.29 -12.38 -25.37
N GLU A 108 -17.07 -12.94 -25.28
CA GLU A 108 -16.66 -13.92 -24.28
C GLU A 108 -16.63 -13.34 -22.85
N ARG A 109 -16.69 -12.00 -22.70
CA ARG A 109 -16.64 -11.36 -21.37
C ARG A 109 -17.98 -10.73 -20.93
N MET A 110 -19.06 -10.96 -21.70
CA MET A 110 -20.39 -10.45 -21.39
C MET A 110 -20.98 -11.04 -20.10
N GLU A 111 -20.81 -12.36 -19.90
CA GLU A 111 -21.25 -13.06 -18.70
C GLU A 111 -20.49 -12.51 -17.49
N ALA A 112 -19.18 -12.22 -17.66
CA ALA A 112 -18.33 -11.67 -16.62
C ALA A 112 -18.78 -10.23 -16.27
N ASN A 113 -19.12 -9.41 -17.29
CA ASN A 113 -19.62 -8.04 -17.10
C ASN A 113 -20.90 -8.05 -16.26
N MET A 114 -21.86 -8.95 -16.59
CA MET A 114 -23.14 -9.03 -15.89
C MET A 114 -22.95 -9.51 -14.45
N GLU A 115 -22.06 -10.51 -14.24
CA GLU A 115 -21.74 -11.05 -12.92
C GLU A 115 -21.12 -9.96 -12.05
N SER A 116 -20.20 -9.16 -12.62
CA SER A 116 -19.48 -8.07 -11.92
C SER A 116 -20.41 -6.89 -11.58
N LEU A 117 -21.33 -6.55 -12.52
CA LEU A 117 -22.28 -5.46 -12.32
C LEU A 117 -23.27 -5.80 -11.19
N GLU A 118 -23.72 -7.08 -11.12
CA GLU A 118 -24.60 -7.55 -10.05
C GLU A 118 -23.82 -7.61 -8.73
N ASN A 119 -22.53 -8.03 -8.79
CA ASN A 119 -21.61 -8.08 -7.63
C ASN A 119 -21.39 -6.68 -7.07
N LEU A 120 -21.31 -5.65 -7.94
CA LEU A 120 -21.17 -4.25 -7.53
C LEU A 120 -22.43 -3.82 -6.77
N ARG A 121 -23.62 -4.14 -7.31
CA ARG A 121 -24.89 -3.82 -6.68
C ARG A 121 -25.02 -4.46 -5.29
N ILE A 122 -24.65 -5.76 -5.18
CA ILE A 122 -24.69 -6.53 -3.93
C ILE A 122 -23.70 -5.95 -2.90
N ASN A 123 -22.44 -5.72 -3.30
CA ASN A 123 -21.41 -5.18 -2.41
C ASN A 123 -21.71 -3.76 -1.93
N LEU A 124 -22.32 -2.92 -2.79
CA LEU A 124 -22.72 -1.56 -2.42
C LEU A 124 -23.85 -1.55 -1.39
N ALA A 125 -24.87 -2.42 -1.58
CA ALA A 125 -26.05 -2.55 -0.71
C ALA A 125 -25.68 -3.02 0.70
N GLU A 126 -24.67 -3.90 0.82
CA GLU A 126 -24.14 -4.42 2.09
C GLU A 126 -23.54 -3.29 2.94
N GLN A 127 -23.10 -2.21 2.29
CA GLN A 127 -22.48 -1.05 2.94
C GLN A 127 -23.43 0.17 3.04
N GLY A 128 -24.70 -0.04 2.68
CA GLY A 128 -25.73 0.98 2.75
C GLY A 128 -25.82 1.93 1.57
N TYR A 129 -25.07 1.65 0.48
CA TYR A 129 -25.08 2.45 -0.75
C TYR A 129 -26.05 1.83 -1.77
N ASP A 130 -26.77 2.68 -2.52
CA ASP A 130 -27.69 2.23 -3.56
C ASP A 130 -27.07 2.60 -4.92
N LEU A 131 -26.76 1.58 -5.75
CA LEU A 131 -26.18 1.78 -7.10
C LEU A 131 -27.05 2.70 -8.00
N ASN A 132 -28.37 2.74 -7.75
CA ASN A 132 -29.31 3.58 -8.51
C ASN A 132 -29.29 5.05 -8.05
N LYS A 133 -28.66 5.36 -6.89
CA LYS A 133 -28.63 6.71 -6.32
C LYS A 133 -27.25 7.40 -6.26
N ILE A 134 -26.17 6.59 -6.23
CA ILE A 134 -24.79 7.05 -6.12
C ILE A 134 -24.25 7.57 -7.48
N PRO A 135 -23.31 8.57 -7.52
CA PRO A 135 -22.71 8.96 -8.81
C PRO A 135 -22.09 7.73 -9.45
N TYR A 136 -22.65 7.33 -10.60
CA TYR A 136 -22.24 6.10 -11.27
C TYR A 136 -22.31 6.25 -12.80
N VAL A 137 -21.20 5.89 -13.48
CA VAL A 137 -21.11 5.96 -14.95
C VAL A 137 -20.61 4.60 -15.47
N ILE A 138 -21.04 4.21 -16.68
CA ILE A 138 -20.60 2.95 -17.29
C ILE A 138 -19.71 3.23 -18.53
N GLN A 139 -18.63 2.49 -18.65
CA GLN A 139 -17.74 2.60 -19.79
C GLN A 139 -17.76 1.29 -20.58
N TYR A 140 -18.03 1.36 -21.91
CA TYR A 140 -17.98 0.18 -22.77
C TYR A 140 -16.60 0.21 -23.39
N ASN A 141 -15.68 -0.51 -22.74
CA ASN A 141 -14.28 -0.52 -23.14
C ASN A 141 -13.99 -1.56 -24.20
N LYS A 142 -12.81 -1.48 -24.85
CA LYS A 142 -12.36 -2.40 -25.91
C LYS A 142 -13.22 -2.30 -27.16
N ARG A 143 -13.66 -1.05 -27.50
CA ARG A 143 -14.46 -0.81 -28.73
C ARG A 143 -13.68 -1.09 -30.03
N ASP A 144 -12.34 -1.15 -29.95
CA ASP A 144 -11.45 -1.42 -31.10
C ASP A 144 -11.47 -2.87 -31.60
N LEU A 145 -11.79 -3.84 -30.72
CA LEU A 145 -11.69 -5.28 -31.01
C LEU A 145 -12.74 -5.83 -31.97
N PRO A 146 -12.34 -6.80 -32.85
CA PRO A 146 -13.32 -7.37 -33.80
C PRO A 146 -14.40 -8.23 -33.14
N ASN A 147 -14.09 -8.84 -31.98
CA ASN A 147 -15.04 -9.69 -31.23
C ASN A 147 -15.90 -8.86 -30.23
N ALA A 148 -16.01 -7.53 -30.45
CA ALA A 148 -16.80 -6.61 -29.61
C ALA A 148 -18.28 -6.66 -29.92
N VAL A 149 -19.10 -6.71 -28.87
CA VAL A 149 -20.55 -6.70 -29.04
C VAL A 149 -20.95 -5.24 -29.39
N THR A 150 -22.10 -5.05 -30.05
CA THR A 150 -22.55 -3.71 -30.45
C THR A 150 -22.86 -2.87 -29.21
N VAL A 151 -22.89 -1.54 -29.35
CA VAL A 151 -23.19 -0.62 -28.24
C VAL A 151 -24.63 -0.87 -27.75
N GLU A 152 -25.55 -1.15 -28.71
CA GLU A 152 -26.96 -1.44 -28.42
C GLU A 152 -27.11 -2.69 -27.54
N GLU A 153 -26.33 -3.78 -27.83
CA GLU A 153 -26.34 -5.03 -27.06
C GLU A 153 -25.81 -4.81 -25.65
N MET A 154 -24.77 -4.00 -25.52
CA MET A 154 -24.20 -3.69 -24.20
C MET A 154 -25.12 -2.84 -23.37
N ARG A 155 -25.79 -1.84 -23.99
CA ARG A 155 -26.76 -0.96 -23.35
C ARG A 155 -27.92 -1.80 -22.80
N LYS A 156 -28.44 -2.74 -23.63
CA LYS A 156 -29.56 -3.62 -23.26
C LYS A 156 -29.16 -4.55 -22.09
N ALA A 157 -27.95 -5.07 -22.10
CA ALA A 157 -27.51 -6.00 -21.06
C ALA A 157 -27.05 -5.34 -19.77
N LEU A 158 -26.43 -4.15 -19.85
CA LEU A 158 -25.77 -3.52 -18.71
C LEU A 158 -26.24 -2.12 -18.32
N ASN A 159 -27.08 -1.45 -19.12
CA ASN A 159 -27.53 -0.12 -18.75
C ASN A 159 -29.05 0.06 -18.86
N HIS A 160 -29.82 -0.71 -18.07
CA HIS A 160 -31.30 -0.63 -18.06
C HIS A 160 -31.80 0.69 -17.46
N ARG A 161 -31.02 1.28 -16.55
CA ARG A 161 -31.39 2.53 -15.86
C ARG A 161 -30.98 3.79 -16.60
N ASN A 162 -30.33 3.65 -17.80
CA ASN A 162 -29.94 4.76 -18.69
C ASN A 162 -29.03 5.81 -18.00
N ILE A 163 -28.04 5.33 -17.25
CA ILE A 163 -27.09 6.23 -16.60
C ILE A 163 -25.98 6.64 -17.63
N PRO A 164 -25.15 7.69 -17.37
CA PRO A 164 -24.14 8.08 -18.37
C PRO A 164 -23.22 6.95 -18.83
N GLU A 165 -23.10 6.81 -20.15
CA GLU A 165 -22.32 5.75 -20.81
C GLU A 165 -21.32 6.31 -21.79
N TYR A 166 -20.12 5.71 -21.82
CA TYR A 166 -19.04 6.16 -22.70
C TYR A 166 -18.37 5.00 -23.38
N GLN A 167 -18.12 5.15 -24.67
CA GLN A 167 -17.43 4.16 -25.49
C GLN A 167 -15.94 4.49 -25.40
N ALA A 168 -15.13 3.51 -25.10
CA ALA A 168 -13.71 3.73 -24.93
C ALA A 168 -12.82 2.70 -25.57
N VAL A 169 -11.56 3.08 -25.78
CA VAL A 169 -10.41 2.26 -26.18
C VAL A 169 -9.35 2.81 -25.21
N ALA A 170 -9.36 2.28 -24.00
CA ALA A 170 -8.51 2.77 -22.90
C ALA A 170 -6.99 2.91 -23.25
N PRO A 171 -6.32 1.97 -23.97
CA PRO A 171 -4.87 2.13 -24.26
C PRO A 171 -4.51 3.36 -25.07
N THR A 172 -5.45 3.85 -25.91
CA THR A 172 -5.25 5.04 -26.74
C THR A 172 -5.88 6.27 -26.08
N GLY A 173 -6.55 6.06 -24.94
CA GLY A 173 -7.20 7.11 -24.18
C GLY A 173 -8.54 7.56 -24.72
N VAL A 174 -9.08 6.88 -25.74
CA VAL A 174 -10.39 7.26 -26.30
C VAL A 174 -11.47 6.99 -25.26
N GLY A 175 -12.26 8.02 -24.91
CA GLY A 175 -13.34 7.93 -23.93
C GLY A 175 -12.94 7.93 -22.46
N VAL A 176 -11.62 7.90 -22.17
CA VAL A 176 -11.08 7.81 -20.80
C VAL A 176 -11.37 9.08 -20.00
N PHE A 177 -10.96 10.26 -20.50
CA PHE A 177 -11.22 11.51 -19.78
C PHE A 177 -12.70 11.88 -19.79
N ASP A 178 -13.48 11.45 -20.80
CA ASP A 178 -14.94 11.73 -20.83
C ASP A 178 -15.66 10.96 -19.72
N THR A 179 -15.25 9.70 -19.47
CA THR A 179 -15.77 8.84 -18.40
C THR A 179 -15.45 9.47 -17.02
N LEU A 180 -14.19 9.88 -16.82
CA LEU A 180 -13.73 10.51 -15.59
C LEU A 180 -14.46 11.82 -15.32
N LYS A 181 -14.50 12.74 -16.31
CA LYS A 181 -15.18 14.03 -16.16
C LYS A 181 -16.66 13.84 -15.80
N ALA A 182 -17.34 12.84 -16.42
CA ALA A 182 -18.76 12.56 -16.13
C ALA A 182 -18.99 12.14 -14.68
N VAL A 183 -18.24 11.13 -14.17
CA VAL A 183 -18.42 10.69 -12.77
C VAL A 183 -17.99 11.79 -11.77
N ALA A 184 -16.91 12.55 -12.08
CA ALA A 184 -16.42 13.62 -11.21
C ALA A 184 -17.45 14.75 -11.10
N LYS A 185 -18.15 15.08 -12.20
CA LYS A 185 -19.20 16.11 -12.23
C LYS A 185 -20.37 15.69 -11.35
N LEU A 186 -20.75 14.39 -11.42
CA LEU A 186 -21.84 13.84 -10.60
C LEU A 186 -21.47 13.85 -9.11
N VAL A 187 -20.18 13.60 -8.78
CA VAL A 187 -19.67 13.63 -7.41
C VAL A 187 -19.70 15.06 -6.88
N LEU A 188 -19.27 16.04 -7.71
CA LEU A 188 -19.25 17.46 -7.33
C LEU A 188 -20.65 18.01 -7.07
N THR A 189 -21.67 17.55 -7.84
CA THR A 189 -23.07 17.96 -7.64
C THR A 189 -23.57 17.46 -6.27
N GLU A 190 -23.20 16.22 -5.90
CA GLU A 190 -23.54 15.59 -4.62
C GLU A 190 -22.88 16.36 -3.46
N LEU A 191 -21.62 16.81 -3.66
CA LEU A 191 -20.85 17.61 -2.68
C LEU A 191 -21.42 19.02 -2.50
N LYS A 192 -22.01 19.59 -3.57
CA LYS A 192 -22.62 20.92 -3.56
C LYS A 192 -24.01 20.86 -2.93
N SER B 2 4.83 4.86 19.13
CA SER B 2 4.81 6.20 18.59
C SER B 2 3.43 6.75 18.28
N PHE B 3 2.39 5.90 18.00
CA PHE B 3 1.02 6.38 17.74
C PHE B 3 -0.01 5.72 18.68
N ILE B 4 -0.67 6.52 19.51
CA ILE B 4 -1.65 6.03 20.47
C ILE B 4 -3.06 6.08 19.90
N ASN B 5 -3.72 4.93 19.85
CA ASN B 5 -5.11 4.85 19.44
C ASN B 5 -5.91 4.86 20.76
N TYR B 6 -6.39 6.05 21.19
CA TYR B 6 -7.13 6.24 22.45
C TYR B 6 -8.50 5.54 22.46
N SER B 7 -9.11 5.30 21.28
CA SER B 7 -10.41 4.63 21.21
C SER B 7 -10.28 3.12 21.32
N SER B 8 -9.42 2.49 20.49
CA SER B 8 -9.21 1.03 20.50
C SER B 8 -8.23 0.58 21.61
N ARG B 9 -7.73 1.55 22.43
CA ARG B 9 -6.82 1.38 23.57
C ARG B 9 -5.55 0.60 23.18
N GLU B 10 -4.89 1.04 22.09
CA GLU B 10 -3.64 0.44 21.59
C GLU B 10 -2.53 1.43 21.37
N ILE B 11 -1.31 1.05 21.79
CA ILE B 11 -0.08 1.79 21.54
C ILE B 11 0.49 1.16 20.26
N ASN B 12 0.62 1.93 19.18
CA ASN B 12 1.17 1.41 17.92
C ASN B 12 2.63 1.77 17.82
N CYS B 13 3.49 0.77 17.71
CA CYS B 13 4.89 1.08 17.60
C CYS B 13 5.51 0.53 16.33
N LYS B 14 6.39 1.32 15.72
CA LYS B 14 7.01 1.04 14.44
C LYS B 14 8.43 0.52 14.59
N ILE B 15 8.66 -0.67 14.05
CA ILE B 15 9.97 -1.33 14.04
C ILE B 15 10.44 -1.38 12.59
N VAL B 16 11.56 -0.69 12.32
CA VAL B 16 12.11 -0.61 10.97
C VAL B 16 13.29 -1.58 10.78
N TYR B 17 13.21 -2.45 9.75
CA TYR B 17 14.31 -3.34 9.38
C TYR B 17 15.06 -2.57 8.31
N TYR B 18 16.34 -2.33 8.57
CA TYR B 18 17.21 -1.52 7.76
C TYR B 18 18.46 -2.28 7.40
N GLY B 19 19.02 -2.00 6.24
CA GLY B 19 20.25 -2.65 5.78
C GLY B 19 20.40 -2.55 4.28
N PRO B 20 21.55 -2.96 3.72
CA PRO B 20 21.74 -2.85 2.26
C PRO B 20 20.75 -3.68 1.45
N GLY B 21 20.61 -3.36 0.17
CA GLY B 21 19.73 -4.12 -0.71
C GLY B 21 20.13 -5.58 -0.70
N LEU B 22 19.13 -6.50 -0.70
CA LEU B 22 19.29 -7.95 -0.74
C LEU B 22 20.00 -8.57 0.49
N CYS B 23 19.97 -7.91 1.64
CA CYS B 23 20.62 -8.41 2.88
C CYS B 23 19.77 -9.43 3.66
N GLY B 24 18.44 -9.47 3.41
CA GLY B 24 17.52 -10.40 4.08
C GLY B 24 16.39 -9.77 4.88
N LYS B 25 16.05 -8.52 4.59
CA LYS B 25 14.98 -7.80 5.30
C LYS B 25 13.59 -8.37 4.98
N THR B 26 13.27 -8.60 3.69
CA THR B 26 12.01 -9.23 3.27
C THR B 26 11.90 -10.61 3.91
N THR B 27 13.01 -11.39 3.87
CA THR B 27 13.08 -12.74 4.43
C THR B 27 12.70 -12.76 5.93
N ASN B 28 13.27 -11.83 6.73
CA ASN B 28 12.97 -11.66 8.15
C ASN B 28 11.46 -11.41 8.34
N LEU B 29 10.91 -10.40 7.64
CA LEU B 29 9.48 -10.04 7.73
C LEU B 29 8.55 -11.17 7.31
N GLN B 30 8.90 -11.87 6.21
CA GLN B 30 8.09 -13.00 5.71
C GLN B 30 8.13 -14.16 6.69
N TYR B 31 9.32 -14.48 7.24
CA TYR B 31 9.41 -15.57 8.21
C TYR B 31 8.58 -15.24 9.45
N ILE B 32 8.72 -14.03 10.02
CA ILE B 32 7.93 -13.59 11.19
C ILE B 32 6.45 -13.69 10.85
N TYR B 33 6.03 -13.13 9.71
CA TYR B 33 4.63 -13.13 9.26
C TYR B 33 4.05 -14.54 9.18
N ASN B 34 4.79 -15.49 8.57
CA ASN B 34 4.35 -16.88 8.38
C ASN B 34 4.15 -17.64 9.70
N LYS B 35 4.91 -17.26 10.75
CA LYS B 35 4.86 -17.91 12.06
C LYS B 35 3.98 -17.17 13.09
N THR B 36 3.36 -16.05 12.69
CA THR B 36 2.48 -15.26 13.57
C THR B 36 1.05 -15.79 13.41
N ALA B 37 0.36 -16.05 14.54
CA ALA B 37 -1.02 -16.55 14.59
C ALA B 37 -1.93 -15.62 13.78
N ALA B 38 -2.71 -16.20 12.84
CA ALA B 38 -3.60 -15.48 11.91
C ALA B 38 -4.55 -14.46 12.54
N GLU B 39 -5.08 -14.78 13.75
CA GLU B 39 -6.03 -13.93 14.47
C GLU B 39 -5.36 -12.72 15.17
N THR B 40 -4.01 -12.67 15.18
CA THR B 40 -3.28 -11.59 15.84
C THR B 40 -2.65 -10.60 14.87
N LYS B 41 -2.70 -10.88 13.55
CA LYS B 41 -2.06 -10.04 12.55
C LYS B 41 -2.96 -9.49 11.45
N GLY B 42 -2.50 -8.43 10.81
CA GLY B 42 -3.14 -7.85 9.64
C GLY B 42 -2.54 -8.48 8.40
N LYS B 43 -2.81 -7.90 7.22
CA LYS B 43 -2.24 -8.43 5.97
C LYS B 43 -0.77 -8.02 5.78
N LEU B 44 -0.02 -8.83 5.00
CA LEU B 44 1.38 -8.55 4.64
C LEU B 44 1.27 -7.68 3.39
N ILE B 45 1.59 -6.39 3.53
CA ILE B 45 1.40 -5.44 2.43
C ILE B 45 2.70 -5.07 1.76
N SER B 46 2.71 -5.22 0.44
CA SER B 46 3.80 -4.84 -0.44
C SER B 46 3.30 -3.62 -1.21
N LEU B 47 4.04 -2.53 -1.11
CA LEU B 47 3.71 -1.26 -1.73
C LEU B 47 4.80 -0.92 -2.74
N SER B 48 4.41 -0.54 -3.95
CA SER B 48 5.37 -0.16 -4.96
C SER B 48 4.90 1.02 -5.82
N THR B 49 5.88 1.88 -6.17
CA THR B 49 5.76 3.04 -7.05
C THR B 49 6.94 2.91 -8.04
N GLU B 50 7.04 3.83 -9.02
CA GLU B 50 8.13 3.89 -9.99
C GLU B 50 9.48 4.18 -9.29
N THR B 51 9.43 4.99 -8.22
CA THR B 51 10.60 5.43 -7.46
C THR B 51 10.97 4.54 -6.26
N ASP B 52 9.97 4.04 -5.51
CA ASP B 52 10.25 3.28 -4.28
C ASP B 52 9.40 2.03 -4.03
N ARG B 53 9.78 1.27 -2.96
CA ARG B 53 9.13 0.03 -2.51
C ARG B 53 9.06 -0.02 -0.98
N THR B 54 8.00 -0.63 -0.45
CA THR B 54 7.79 -0.80 1.00
C THR B 54 7.14 -2.16 1.25
N LEU B 55 7.50 -2.79 2.37
CA LEU B 55 6.91 -4.05 2.82
C LEU B 55 6.60 -3.86 4.29
N PHE B 56 5.37 -4.17 4.68
CA PHE B 56 4.97 -3.98 6.08
C PHE B 56 3.78 -4.81 6.49
N PHE B 57 3.61 -4.98 7.82
CA PHE B 57 2.45 -5.62 8.44
C PHE B 57 2.43 -5.24 9.91
N ASP B 58 1.30 -5.51 10.58
CA ASP B 58 1.19 -5.26 12.00
C ASP B 58 0.63 -6.49 12.69
N PHE B 59 0.90 -6.61 13.99
CA PHE B 59 0.42 -7.71 14.81
C PHE B 59 0.31 -7.29 16.29
N LEU B 60 -0.70 -7.84 16.97
CA LEU B 60 -0.95 -7.59 18.37
C LEU B 60 -0.69 -8.90 19.13
N PRO B 61 0.54 -9.11 19.66
CA PRO B 61 0.81 -10.37 20.40
C PRO B 61 -0.08 -10.53 21.63
N LEU B 62 -0.73 -11.71 21.78
CA LEU B 62 -1.63 -12.05 22.88
C LEU B 62 -0.91 -12.25 24.21
N SER B 63 0.35 -12.73 24.15
CA SER B 63 1.20 -13.00 25.31
C SER B 63 1.47 -11.75 26.15
N LEU B 64 1.57 -10.57 25.51
CA LEU B 64 1.87 -9.30 26.15
C LEU B 64 0.80 -8.75 27.05
N GLY B 65 1.24 -8.14 28.15
CA GLY B 65 0.38 -7.48 29.12
C GLY B 65 -0.08 -6.12 28.64
N GLU B 66 -0.32 -5.21 29.56
CA GLU B 66 -0.78 -3.86 29.21
C GLU B 66 0.09 -2.77 29.82
N ILE B 67 0.27 -1.66 29.11
CA ILE B 67 0.99 -0.49 29.60
C ILE B 67 -0.06 0.56 29.86
N ARG B 68 -0.41 0.78 31.14
CA ARG B 68 -1.41 1.74 31.60
C ARG B 68 -2.80 1.52 30.94
N GLY B 69 -3.19 0.24 30.85
CA GLY B 69 -4.45 -0.21 30.27
C GLY B 69 -4.46 -0.31 28.75
N PHE B 70 -3.30 -0.09 28.11
CA PHE B 70 -3.16 -0.12 26.65
C PHE B 70 -2.38 -1.33 26.17
N LYS B 71 -2.86 -1.98 25.09
CA LYS B 71 -2.18 -3.12 24.46
C LYS B 71 -1.18 -2.57 23.43
N THR B 72 -0.04 -3.24 23.23
CA THR B 72 0.95 -2.76 22.26
C THR B 72 0.86 -3.54 20.95
N ARG B 73 0.64 -2.80 19.85
CA ARG B 73 0.57 -3.33 18.50
C ARG B 73 1.88 -3.00 17.79
N PHE B 74 2.53 -4.03 17.22
CA PHE B 74 3.80 -3.87 16.51
C PHE B 74 3.61 -3.77 15.01
N HIS B 75 4.26 -2.78 14.38
CA HIS B 75 4.22 -2.54 12.94
C HIS B 75 5.65 -2.72 12.43
N LEU B 76 5.88 -3.72 11.56
CA LEU B 76 7.21 -4.04 11.03
C LEU B 76 7.27 -3.49 9.61
N TYR B 77 8.23 -2.58 9.34
CA TYR B 77 8.42 -1.88 8.07
C TYR B 77 9.82 -2.08 7.51
N THR B 78 9.94 -2.16 6.15
CA THR B 78 11.23 -2.25 5.46
C THR B 78 11.12 -1.74 4.04
N VAL B 79 12.25 -1.25 3.48
CA VAL B 79 12.36 -0.85 2.09
C VAL B 79 13.09 -2.03 1.43
N PRO B 80 12.38 -2.97 0.77
CA PRO B 80 13.06 -4.14 0.20
C PRO B 80 13.76 -3.89 -1.14
N GLY B 81 14.70 -4.78 -1.48
CA GLY B 81 15.43 -4.80 -2.75
C GLY B 81 16.39 -3.66 -2.99
N GLN B 82 16.76 -3.45 -4.26
CA GLN B 82 17.65 -2.36 -4.68
C GLN B 82 16.93 -1.02 -4.47
N VAL B 83 17.63 -0.03 -3.92
CA VAL B 83 17.12 1.30 -3.63
C VAL B 83 17.71 2.28 -4.64
N PHE B 84 16.85 3.03 -5.34
CA PHE B 84 17.24 4.01 -6.35
C PHE B 84 17.15 5.44 -5.84
N TYR B 85 16.38 5.66 -4.76
CA TYR B 85 16.19 6.98 -4.15
C TYR B 85 16.36 6.91 -2.63
N ASP B 86 17.29 7.71 -2.08
CA ASP B 86 17.56 7.80 -0.64
C ASP B 86 16.33 8.31 0.13
N ALA B 87 15.43 9.05 -0.55
CA ALA B 87 14.18 9.58 0.03
C ALA B 87 13.31 8.46 0.64
N SER B 88 13.27 7.26 0.02
CA SER B 88 12.49 6.12 0.53
C SER B 88 13.03 5.59 1.87
N ARG B 89 14.36 5.63 2.06
CA ARG B 89 15.03 5.23 3.30
C ARG B 89 14.79 6.30 4.39
N LYS B 90 14.66 7.58 3.97
CA LYS B 90 14.34 8.71 4.86
C LYS B 90 12.88 8.62 5.30
N LEU B 91 11.97 8.27 4.36
CA LEU B 91 10.53 8.14 4.59
C LEU B 91 10.19 6.95 5.51
N ILE B 92 10.85 5.77 5.29
CA ILE B 92 10.62 4.56 6.10
C ILE B 92 10.85 4.80 7.60
N LEU B 93 11.79 5.70 7.96
CA LEU B 93 12.17 6.01 9.33
C LEU B 93 11.23 6.98 10.06
N LYS B 94 10.27 7.60 9.34
CA LYS B 94 9.32 8.51 9.99
C LYS B 94 8.52 7.80 11.08
N GLY B 95 8.61 8.32 12.31
CA GLY B 95 7.90 7.78 13.46
C GLY B 95 8.43 6.46 13.97
N VAL B 96 9.71 6.14 13.67
CA VAL B 96 10.31 4.89 14.10
C VAL B 96 10.41 4.80 15.65
N ASP B 97 10.09 3.63 16.24
CA ASP B 97 10.23 3.37 17.67
C ASP B 97 11.45 2.48 17.94
N GLY B 98 11.74 1.56 17.01
CA GLY B 98 12.89 0.65 17.11
C GLY B 98 13.45 0.27 15.76
N VAL B 99 14.77 -0.04 15.70
CA VAL B 99 15.45 -0.37 14.44
C VAL B 99 16.18 -1.70 14.55
N VAL B 100 16.04 -2.54 13.51
CA VAL B 100 16.83 -3.76 13.36
C VAL B 100 17.73 -3.49 12.17
N PHE B 101 19.07 -3.48 12.38
CA PHE B 101 19.97 -3.34 11.25
C PHE B 101 20.33 -4.76 10.84
N VAL B 102 20.02 -5.14 9.59
CA VAL B 102 20.31 -6.46 9.03
C VAL B 102 21.57 -6.32 8.17
N ALA B 103 22.66 -6.95 8.63
CA ALA B 103 23.92 -6.93 7.92
C ALA B 103 24.07 -8.22 7.11
N ASP B 104 24.49 -8.09 5.85
CA ASP B 104 24.76 -9.21 4.96
C ASP B 104 26.19 -9.66 5.29
N SER B 105 26.34 -10.90 5.78
CA SER B 105 27.64 -11.43 6.22
C SER B 105 28.66 -11.69 5.11
N GLN B 106 28.26 -11.60 3.83
CA GLN B 106 29.17 -11.86 2.71
C GLN B 106 30.26 -10.80 2.65
N ILE B 107 31.50 -11.24 2.39
CA ILE B 107 32.68 -10.38 2.28
C ILE B 107 32.46 -9.21 1.29
N GLU B 108 31.85 -9.51 0.13
CA GLU B 108 31.55 -8.57 -0.94
C GLU B 108 30.49 -7.53 -0.56
N ARG B 109 29.76 -7.74 0.56
CA ARG B 109 28.70 -6.83 1.00
C ARG B 109 29.07 -6.03 2.28
N MET B 110 30.33 -6.14 2.74
CA MET B 110 30.81 -5.41 3.92
C MET B 110 30.83 -3.90 3.72
N GLU B 111 31.27 -3.44 2.54
CA GLU B 111 31.31 -2.02 2.18
C GLU B 111 29.87 -1.49 2.14
N ALA B 112 28.93 -2.31 1.63
CA ALA B 112 27.50 -1.96 1.55
C ALA B 112 26.90 -1.86 2.96
N ASN B 113 27.26 -2.81 3.87
CA ASN B 113 26.81 -2.79 5.27
C ASN B 113 27.23 -1.52 5.97
N MET B 114 28.50 -1.10 5.80
CA MET B 114 29.05 0.10 6.43
C MET B 114 28.39 1.37 5.87
N GLU B 115 28.18 1.42 4.54
CA GLU B 115 27.54 2.53 3.85
C GLU B 115 26.10 2.70 4.35
N SER B 116 25.37 1.58 4.50
CA SER B 116 23.97 1.54 4.97
C SER B 116 23.83 1.93 6.44
N LEU B 117 24.78 1.45 7.29
CA LEU B 117 24.78 1.74 8.72
C LEU B 117 25.02 3.23 8.97
N GLU B 118 25.93 3.85 8.19
CA GLU B 118 26.21 5.29 8.25
C GLU B 118 25.00 6.08 7.72
N ASN B 119 24.36 5.56 6.63
CA ASN B 119 23.15 6.14 6.02
C ASN B 119 22.00 6.14 7.03
N LEU B 120 21.88 5.07 7.85
CA LEU B 120 20.88 4.96 8.91
C LEU B 120 21.12 6.06 9.96
N ARG B 121 22.39 6.22 10.40
CA ARG B 121 22.77 7.23 11.37
C ARG B 121 22.45 8.65 10.87
N ILE B 122 22.78 8.94 9.58
CA ILE B 122 22.54 10.23 8.93
C ILE B 122 21.03 10.51 8.81
N ASN B 123 20.25 9.54 8.29
CA ASN B 123 18.81 9.70 8.11
C ASN B 123 18.06 9.85 9.45
N LEU B 124 18.51 9.14 10.51
CA LEU B 124 17.90 9.27 11.84
C LEU B 124 18.15 10.65 12.46
N ALA B 125 19.40 11.18 12.34
CA ALA B 125 19.82 12.48 12.86
C ALA B 125 19.07 13.65 12.24
N GLU B 126 18.73 13.54 10.92
CA GLU B 126 17.96 14.53 10.16
C GLU B 126 16.54 14.68 10.72
N GLN B 127 16.04 13.62 11.37
CA GLN B 127 14.70 13.59 11.95
C GLN B 127 14.68 13.76 13.48
N GLY B 128 15.84 14.08 14.06
CA GLY B 128 16.00 14.31 15.49
C GLY B 128 16.22 13.08 16.35
N TYR B 129 16.42 11.90 15.72
CA TYR B 129 16.68 10.63 16.42
C TYR B 129 18.19 10.37 16.50
N ASP B 130 18.65 9.80 17.62
CA ASP B 130 20.05 9.43 17.82
C ASP B 130 20.14 7.91 17.82
N LEU B 131 20.89 7.33 16.86
CA LEU B 131 21.09 5.89 16.73
C LEU B 131 21.68 5.24 18.01
N ASN B 132 22.43 6.02 18.81
CA ASN B 132 23.02 5.56 20.06
C ASN B 132 22.02 5.54 21.24
N LYS B 133 20.83 6.17 21.07
CA LYS B 133 19.81 6.28 22.12
C LYS B 133 18.48 5.55 21.87
N ILE B 134 18.16 5.27 20.60
CA ILE B 134 16.93 4.60 20.18
C ILE B 134 17.05 3.05 20.35
N PRO B 135 15.94 2.30 20.69
CA PRO B 135 16.01 0.83 20.70
C PRO B 135 16.55 0.36 19.36
N TYR B 136 17.74 -0.28 19.41
CA TYR B 136 18.45 -0.67 18.21
C TYR B 136 19.21 -2.00 18.41
N VAL B 137 19.00 -2.95 17.49
CA VAL B 137 19.67 -4.26 17.52
C VAL B 137 20.27 -4.53 16.13
N ILE B 138 21.41 -5.26 16.09
CA ILE B 138 22.05 -5.63 14.83
C ILE B 138 21.94 -7.15 14.59
N GLN B 139 21.62 -7.54 13.34
CA GLN B 139 21.55 -8.93 12.97
C GLN B 139 22.64 -9.22 11.92
N TYR B 140 23.46 -10.25 12.16
CA TYR B 140 24.47 -10.68 11.20
C TYR B 140 23.83 -11.82 10.43
N ASN B 141 23.22 -11.48 9.30
CA ASN B 141 22.46 -12.43 8.48
C ASN B 141 23.36 -13.17 7.50
N LYS B 142 22.84 -14.26 6.90
CA LYS B 142 23.55 -15.10 5.92
C LYS B 142 24.73 -15.82 6.54
N ARG B 143 24.59 -16.27 7.81
CA ARG B 143 25.64 -17.03 8.51
C ARG B 143 25.94 -18.40 7.87
N ASP B 144 25.01 -18.91 7.03
CA ASP B 144 25.12 -20.20 6.33
C ASP B 144 26.12 -20.21 5.15
N LEU B 145 26.37 -19.04 4.53
CA LEU B 145 27.20 -18.93 3.32
C LEU B 145 28.69 -19.13 3.55
N PRO B 146 29.40 -19.76 2.57
CA PRO B 146 30.84 -19.99 2.75
C PRO B 146 31.69 -18.71 2.68
N ASN B 147 31.20 -17.67 1.97
CA ASN B 147 31.89 -16.39 1.81
C ASN B 147 31.55 -15.40 2.94
N ALA B 148 31.01 -15.91 4.09
CA ALA B 148 30.65 -15.10 5.26
C ALA B 148 31.85 -14.70 6.10
N VAL B 149 31.92 -13.43 6.49
CA VAL B 149 33.01 -12.95 7.35
C VAL B 149 32.74 -13.45 8.79
N THR B 150 33.77 -13.59 9.61
CA THR B 150 33.60 -14.09 10.99
C THR B 150 32.74 -13.12 11.79
N VAL B 151 32.16 -13.59 12.91
CA VAL B 151 31.34 -12.77 13.79
C VAL B 151 32.21 -11.66 14.40
N GLU B 152 33.48 -11.98 14.73
CA GLU B 152 34.44 -11.03 15.29
C GLU B 152 34.73 -9.86 14.32
N GLU B 153 34.90 -10.16 13.01
CA GLU B 153 35.13 -9.14 11.96
C GLU B 153 33.90 -8.25 11.76
N MET B 154 32.71 -8.82 11.84
CA MET B 154 31.49 -8.04 11.71
C MET B 154 31.24 -7.15 12.90
N ARG B 155 31.53 -7.67 14.12
CA ARG B 155 31.42 -6.93 15.38
C ARG B 155 32.36 -5.72 15.34
N LYS B 156 33.63 -5.93 14.90
CA LYS B 156 34.64 -4.88 14.79
C LYS B 156 34.26 -3.81 13.76
N ALA B 157 33.66 -4.20 12.64
CA ALA B 157 33.28 -3.26 11.59
C ALA B 157 31.95 -2.54 11.83
N LEU B 158 30.97 -3.21 12.46
CA LEU B 158 29.60 -2.69 12.57
C LEU B 158 29.02 -2.54 13.98
N ASN B 159 29.70 -3.05 15.03
CA ASN B 159 29.14 -2.93 16.37
C ASN B 159 30.17 -2.41 17.40
N HIS B 160 30.66 -1.16 17.20
CA HIS B 160 31.63 -0.53 18.11
C HIS B 160 31.02 -0.20 19.48
N ARG B 161 29.71 0.07 19.52
CA ARG B 161 28.97 0.43 20.75
C ARG B 161 28.47 -0.78 21.56
N ASN B 162 28.71 -2.03 21.08
CA ASN B 162 28.34 -3.29 21.73
C ASN B 162 26.81 -3.40 22.04
N ILE B 163 25.99 -3.03 21.08
CA ILE B 163 24.53 -3.16 21.23
C ILE B 163 24.08 -4.63 20.96
N PRO B 164 22.84 -5.07 21.32
CA PRO B 164 22.47 -6.48 21.09
C PRO B 164 22.65 -6.94 19.64
N GLU B 165 23.33 -8.09 19.49
CA GLU B 165 23.65 -8.70 18.20
C GLU B 165 23.19 -10.12 18.09
N TYR B 166 22.69 -10.51 16.91
CA TYR B 166 22.14 -11.84 16.68
C TYR B 166 22.59 -12.40 15.36
N GLN B 167 23.04 -13.65 15.38
CA GLN B 167 23.47 -14.37 14.19
C GLN B 167 22.24 -15.04 13.59
N ALA B 168 22.04 -14.88 12.30
CA ALA B 168 20.85 -15.42 11.67
C ALA B 168 21.09 -16.06 10.33
N VAL B 169 20.14 -16.89 9.91
CA VAL B 169 19.97 -17.52 8.59
C VAL B 169 18.46 -17.32 8.39
N ALA B 170 18.09 -16.13 7.93
CA ALA B 170 16.70 -15.69 7.80
C ALA B 170 15.76 -16.69 7.04
N PRO B 171 16.17 -17.35 5.91
CA PRO B 171 15.23 -18.25 5.21
C PRO B 171 14.77 -19.45 6.02
N THR B 172 15.60 -19.88 7.00
CA THR B 172 15.29 -21.03 7.87
C THR B 172 14.76 -20.54 9.21
N GLY B 173 14.74 -19.23 9.39
CA GLY B 173 14.26 -18.57 10.61
C GLY B 173 15.23 -18.56 11.77
N VAL B 174 16.48 -19.03 11.56
CA VAL B 174 17.46 -19.02 12.65
C VAL B 174 17.79 -17.57 13.01
N GLY B 175 17.67 -17.23 14.30
CA GLY B 175 17.94 -15.90 14.85
C GLY B 175 16.91 -14.82 14.56
N VAL B 176 15.86 -15.12 13.77
CA VAL B 176 14.82 -14.16 13.34
C VAL B 176 13.96 -13.70 14.53
N PHE B 177 13.35 -14.64 15.27
CA PHE B 177 12.52 -14.27 16.41
C PHE B 177 13.34 -13.73 17.58
N ASP B 178 14.62 -14.15 17.71
CA ASP B 178 15.50 -13.62 18.79
C ASP B 178 15.80 -12.13 18.55
N THR B 179 16.01 -11.74 17.29
CA THR B 179 16.27 -10.35 16.87
C THR B 179 15.01 -9.50 17.17
N LEU B 180 13.84 -10.00 16.74
CA LEU B 180 12.56 -9.32 16.96
C LEU B 180 12.24 -9.15 18.44
N LYS B 181 12.33 -10.23 19.24
CA LYS B 181 12.06 -10.18 20.69
C LYS B 181 12.97 -9.17 21.38
N ALA B 182 14.27 -9.12 20.98
CA ALA B 182 15.24 -8.18 21.59
C ALA B 182 14.85 -6.71 21.35
N VAL B 183 14.59 -6.32 20.08
CA VAL B 183 14.23 -4.93 19.77
C VAL B 183 12.84 -4.56 20.39
N ALA B 184 11.87 -5.50 20.37
CA ALA B 184 10.53 -5.27 20.94
C ALA B 184 10.59 -5.04 22.44
N LYS B 185 11.48 -5.77 23.15
CA LYS B 185 11.68 -5.61 24.61
C LYS B 185 12.26 -4.23 24.91
N LEU B 186 13.22 -3.77 24.08
CA LEU B 186 13.82 -2.44 24.24
C LEU B 186 12.79 -1.32 23.98
N VAL B 187 11.87 -1.54 23.03
CA VAL B 187 10.79 -0.60 22.69
C VAL B 187 9.81 -0.51 23.87
N LEU B 188 9.43 -1.69 24.43
CA LEU B 188 8.50 -1.75 25.56
C LEU B 188 9.04 -1.08 26.81
N THR B 189 10.36 -1.19 27.05
CA THR B 189 11.01 -0.53 28.20
C THR B 189 10.92 1.01 28.05
N GLU B 190 11.14 1.52 26.82
CA GLU B 190 11.04 2.94 26.46
C GLU B 190 9.60 3.44 26.65
N LEU B 191 8.59 2.61 26.28
CA LEU B 191 7.17 2.92 26.44
C LEU B 191 6.74 2.94 27.91
N LYS B 192 7.37 2.10 28.75
CA LYS B 192 7.10 2.02 30.19
C LYS B 192 7.77 3.17 30.94
PB GDP C . -7.80 -4.63 -15.28
O1B GDP C . -7.60 -6.00 -14.71
O2B GDP C . -9.21 -4.25 -15.41
O3B GDP C . -6.98 -3.62 -14.55
O3A GDP C . -7.26 -4.70 -16.79
PA GDP C . -6.05 -4.08 -17.63
O1A GDP C . -4.77 -4.49 -17.06
O2A GDP C . -6.21 -2.56 -17.71
O5' GDP C . -6.31 -4.72 -19.08
C5' GDP C . -6.01 -6.11 -19.37
C4' GDP C . -5.53 -6.22 -20.80
O4' GDP C . -6.51 -5.66 -21.70
C3' GDP C . -4.20 -5.52 -21.12
O3' GDP C . -3.47 -6.32 -22.03
C2' GDP C . -4.67 -4.21 -21.76
O2' GDP C . -3.74 -3.58 -22.64
C1' GDP C . -5.90 -4.69 -22.52
N9 GDP C . -6.87 -3.64 -22.81
C8 GDP C . -7.43 -2.73 -21.94
N7 GDP C . -8.28 -1.92 -22.51
C5 GDP C . -8.28 -2.30 -23.85
C6 GDP C . -8.99 -1.79 -24.98
O6 GDP C . -9.74 -0.83 -25.00
N1 GDP C . -8.70 -2.49 -26.14
C2 GDP C . -7.82 -3.53 -26.24
N2 GDP C . -7.67 -4.10 -27.44
N3 GDP C . -7.13 -4.00 -25.19
C4 GDP C . -7.41 -3.36 -24.05
PB GDP D . 16.04 -7.43 1.14
O1B GDP D . 16.90 -7.03 2.29
O2B GDP D . 16.30 -6.63 -0.11
O3B GDP D . 14.57 -7.44 1.48
O3A GDP D . 16.48 -8.94 0.82
PA GDP D . 15.77 -10.34 0.65
O1A GDP D . 15.14 -10.77 1.97
O2A GDP D . 14.79 -10.28 -0.45
O5' GDP D . 17.01 -11.29 0.30
C5' GDP D . 17.68 -11.29 -0.98
C4' GDP D . 18.12 -12.69 -1.31
O4' GDP D . 18.98 -13.18 -0.26
C3' GDP D . 17.01 -13.73 -1.49
O3' GDP D . 17.31 -14.62 -2.55
C2' GDP D . 17.00 -14.44 -0.13
O2' GDP D . 16.48 -15.77 -0.12
C1' GDP D . 18.49 -14.43 0.19
N9 GDP D . 18.78 -14.55 1.63
C8 GDP D . 18.26 -13.81 2.66
N7 GDP D . 18.73 -14.15 3.84
C5 GDP D . 19.61 -15.18 3.56
C6 GDP D . 20.45 -15.97 4.43
O6 GDP D . 20.48 -15.92 5.66
N1 GDP D . 21.21 -16.89 3.72
C2 GDP D . 21.17 -17.08 2.36
N2 GDP D . 21.99 -18.00 1.84
N3 GDP D . 20.39 -16.37 1.55
C4 GDP D . 19.65 -15.44 2.20
#